data_5VQJ
#
_entry.id   5VQJ
#
_cell.length_a   64.326
_cell.length_b   64.326
_cell.length_c   105.873
_cell.angle_alpha   90.000
_cell.angle_beta   90.000
_cell.angle_gamma   90.000
#
_symmetry.space_group_name_H-M   'P 43 21 2'
#
loop_
_entity.id
_entity.type
_entity.pdbx_description
1 polymer exo-beta-1,4-xylanase
2 water water
#
_entity_poly.entity_id   1
_entity_poly.type   'polypeptide(L)'
_entity_poly.pdbx_seq_one_letter_code
;GAMVLTQTHATGHVGDFFFTHWKDGGSTSLTLDAEGKFLVTWQGGGYNYVGGPGWHFGDKNRVIRYKLNEETGASYIALY
GWGYDKTMSESDPSHLVEYYILQRWTYDPSQDGIYGKTFVSNGIEYSTYRSIRKVKPSINGPTTFYQYWSKPSAQQELGK
DHKIIFADHVKAWADTGWILPDMNNFDASDDPTYQVLAVEVFNPQKNGTASGQVWDE
;
_entity_poly.pdbx_strand_id   A
#
# COMPACT_ATOMS: atom_id res chain seq x y z
N GLY A 1 7.33 11.03 -20.39
CA GLY A 1 6.92 9.78 -19.88
C GLY A 1 7.07 9.82 -18.35
N ALA A 2 7.16 11.00 -17.68
CA ALA A 2 7.35 11.05 -16.21
C ALA A 2 6.86 12.28 -15.44
N MET A 3 6.56 12.07 -14.15
CA MET A 3 6.25 13.17 -13.25
C MET A 3 7.15 13.12 -12.04
N VAL A 4 7.55 14.31 -11.57
CA VAL A 4 8.28 14.46 -10.32
C VAL A 4 7.35 15.16 -9.33
N LEU A 5 6.86 14.41 -8.35
CA LEU A 5 5.87 14.96 -7.44
C LEU A 5 6.55 15.51 -6.20
N THR A 6 6.40 16.81 -5.96
CA THR A 6 6.99 17.45 -4.79
C THR A 6 5.94 18.15 -3.92
N GLN A 7 4.69 18.16 -4.38
CA GLN A 7 3.61 18.80 -3.63
C GLN A 7 3.23 17.97 -2.40
N THR A 8 2.47 18.57 -1.49
CA THR A 8 2.09 17.87 -0.26
C THR A 8 1.09 16.75 -0.52
N HIS A 9 0.35 16.85 -1.63
CA HIS A 9 -0.59 15.81 -1.98
C HIS A 9 -0.90 15.79 -3.48
N ALA A 10 -0.85 14.61 -4.07
CA ALA A 10 -1.15 14.46 -5.48
C ALA A 10 -1.53 13.02 -5.82
N THR A 11 -2.50 12.87 -6.71
CA THR A 11 -2.82 11.55 -7.28
C THR A 11 -3.00 11.72 -8.78
N GLY A 12 -2.91 10.62 -9.51
CA GLY A 12 -3.12 10.67 -10.94
C GLY A 12 -2.44 9.51 -11.64
N HIS A 13 -2.30 9.62 -12.95
CA HIS A 13 -1.64 8.61 -13.76
C HIS A 13 -0.38 9.12 -14.46
N VAL A 14 0.59 8.23 -14.63
CA VAL A 14 1.70 8.46 -15.56
C VAL A 14 1.66 7.27 -16.51
N GLY A 15 1.23 7.51 -17.75
CA GLY A 15 0.94 6.42 -18.65
C GLY A 15 -0.11 5.51 -18.02
N ASP A 16 0.14 4.20 -18.03
CA ASP A 16 -0.80 3.23 -17.48
C ASP A 16 -0.80 3.17 -15.95
N PHE A 17 0.16 3.83 -15.32
CA PHE A 17 0.34 3.67 -13.88
C PHE A 17 -0.32 4.77 -13.08
N PHE A 18 -1.06 4.38 -12.04
CA PHE A 18 -1.64 5.31 -11.10
C PHE A 18 -0.60 5.61 -10.02
N PHE A 19 -0.74 6.74 -9.35
CA PHE A 19 0.07 7.02 -8.18
C PHE A 19 -0.73 7.78 -7.15
N THR A 20 -0.35 7.59 -5.89
CA THR A 20 -0.78 8.47 -4.83
C THR A 20 0.49 8.94 -4.12
N HIS A 21 0.42 10.12 -3.52
CA HIS A 21 1.60 10.80 -3.03
C HIS A 21 1.15 11.76 -1.93
N TRP A 22 1.60 11.51 -0.71
CA TRP A 22 1.16 12.31 0.43
C TRP A 22 2.32 12.61 1.37
N LYS A 23 2.35 13.85 1.85
CA LYS A 23 3.43 14.42 2.64
C LYS A 23 2.81 15.38 3.65
N ASP A 24 3.25 15.40 4.91
CA ASP A 24 2.75 16.45 5.80
C ASP A 24 3.79 17.57 5.97
N GLY A 25 4.84 17.49 5.15
CA GLY A 25 5.84 18.55 5.10
C GLY A 25 7.17 18.05 4.57
N GLY A 26 8.11 18.96 4.38
CA GLY A 26 9.43 18.57 3.92
C GLY A 26 9.54 18.44 2.40
N SER A 27 10.72 18.04 1.95
CA SER A 27 11.06 18.03 0.53
C SER A 27 10.94 16.66 -0.14
N THR A 28 10.35 15.68 0.55
CA THR A 28 10.25 14.33 -0.02
C THR A 28 9.55 14.35 -1.37
N SER A 29 10.15 13.66 -2.34
CA SER A 29 9.59 13.64 -3.68
C SER A 29 9.42 12.22 -4.21
N LEU A 30 8.48 12.05 -5.12
CA LEU A 30 8.28 10.81 -5.85
C LEU A 30 8.43 11.10 -7.34
N THR A 31 9.32 10.34 -8.00
CA THR A 31 9.42 10.39 -9.46
C THR A 31 8.90 9.07 -10.03
N LEU A 32 8.04 9.16 -11.04
CA LEU A 32 7.46 7.98 -11.66
C LEU A 32 7.42 8.16 -13.18
N ASP A 33 7.86 7.16 -13.93
CA ASP A 33 7.71 7.23 -15.39
C ASP A 33 6.71 6.19 -15.91
N ALA A 34 6.44 6.23 -17.21
CA ALA A 34 5.36 5.46 -17.80
C ALA A 34 5.66 3.98 -17.91
N GLU A 35 6.90 3.61 -17.57
CA GLU A 35 7.30 2.20 -17.60
C GLU A 35 7.30 1.63 -16.18
N GLY A 36 6.84 2.42 -15.22
CA GLY A 36 6.70 1.95 -13.85
C GLY A 36 7.95 2.07 -13.00
N LYS A 37 8.98 2.72 -13.53
CA LYS A 37 10.17 3.00 -12.73
C LYS A 37 9.88 4.15 -11.78
N PHE A 38 10.26 3.98 -10.52
CA PHE A 38 9.97 5.00 -9.52
C PHE A 38 11.16 5.28 -8.62
N LEU A 39 11.16 6.47 -8.04
CA LEU A 39 12.20 6.90 -7.13
C LEU A 39 11.62 7.79 -6.04
N VAL A 40 11.73 7.35 -4.78
CA VAL A 40 11.35 8.18 -3.65
C VAL A 40 12.60 8.57 -2.87
N THR A 41 12.81 9.87 -2.70
CA THR A 41 13.93 10.34 -1.86
C THR A 41 13.35 11.20 -0.75
N TRP A 42 13.73 10.92 0.47
CA TRP A 42 13.12 11.59 1.61
C TRP A 42 14.04 12.30 2.50
N GLN A 43 13.48 13.32 3.13
CA GLN A 43 14.25 14.35 3.83
C GLN A 43 15.04 13.92 5.04
N GLY A 44 14.45 13.30 6.02
CA GLY A 44 15.25 13.02 7.21
C GLY A 44 15.05 14.23 8.06
N GLY A 45 14.21 14.10 9.08
CA GLY A 45 14.01 15.23 9.98
C GLY A 45 12.64 15.30 10.58
N GLY A 46 11.84 14.27 10.33
CA GLY A 46 10.63 14.06 11.11
C GLY A 46 9.25 14.27 10.50
N TYR A 47 9.15 14.61 9.22
CA TYR A 47 7.82 14.60 8.60
C TYR A 47 7.40 13.20 8.19
N ASN A 48 6.21 13.06 7.62
CA ASN A 48 5.72 11.75 7.21
C ASN A 48 5.42 11.69 5.74
N TYR A 49 5.70 10.54 5.13
CA TYR A 49 5.41 10.33 3.72
C TYR A 49 4.70 8.99 3.47
N VAL A 50 3.72 9.00 2.58
CA VAL A 50 3.09 7.78 2.07
C VAL A 50 2.84 7.95 0.58
N GLY A 51 3.43 7.10 -0.25
CA GLY A 51 3.26 7.24 -1.68
C GLY A 51 3.90 6.15 -2.52
N GLY A 52 3.40 5.99 -3.74
CA GLY A 52 3.96 5.02 -4.66
C GLY A 52 3.09 4.77 -5.87
N PRO A 53 3.61 3.98 -6.82
CA PRO A 53 2.97 3.66 -8.09
C PRO A 53 2.16 2.37 -8.08
N GLY A 54 1.08 2.38 -8.87
CA GLY A 54 0.06 1.34 -8.82
C GLY A 54 -1.15 1.63 -9.71
N TRP A 55 -2.20 0.83 -9.54
CA TRP A 55 -3.41 0.93 -10.39
C TRP A 55 -4.62 1.51 -9.63
N HIS A 56 -5.40 2.36 -10.28
CA HIS A 56 -6.36 3.16 -9.53
C HIS A 56 -7.26 2.19 -8.78
N PHE A 57 -7.32 0.96 -9.29
CA PHE A 57 -8.30 -0.02 -8.88
C PHE A 57 -7.63 -1.33 -8.47
N GLY A 58 -8.29 -2.08 -7.61
CA GLY A 58 -7.79 -3.38 -7.20
C GLY A 58 -8.38 -4.46 -8.08
N ASP A 59 -7.52 -5.20 -8.75
CA ASP A 59 -7.95 -6.31 -9.59
C ASP A 59 -7.66 -7.59 -8.83
N LYS A 60 -8.70 -8.39 -8.59
CA LYS A 60 -8.57 -9.60 -7.78
C LYS A 60 -7.65 -10.64 -8.41
N ASN A 61 -7.35 -10.49 -9.71
CA ASN A 61 -6.48 -11.43 -10.39
C ASN A 61 -5.13 -10.83 -10.80
N ARG A 62 -4.82 -9.64 -10.29
CA ARG A 62 -3.55 -8.99 -10.65
C ARG A 62 -2.36 -9.72 -10.05
N VAL A 63 -1.33 -9.91 -10.85
CA VAL A 63 -0.05 -10.38 -10.36
C VAL A 63 0.93 -9.22 -10.43
N ILE A 64 1.25 -8.68 -9.26
CA ILE A 64 2.14 -7.53 -9.18
C ILE A 64 3.59 -7.99 -9.17
N ARG A 65 4.38 -7.42 -10.07
CA ARG A 65 5.81 -7.68 -10.13
C ARG A 65 6.55 -6.41 -9.75
N TYR A 66 7.64 -6.54 -9.01
CA TYR A 66 8.46 -5.37 -8.72
C TYR A 66 9.88 -5.77 -8.37
N LYS A 67 10.80 -4.82 -8.50
CA LYS A 67 12.14 -4.99 -7.98
C LYS A 67 12.57 -3.69 -7.34
N LEU A 68 13.24 -3.79 -6.19
CA LEU A 68 13.84 -2.63 -5.53
C LEU A 68 15.34 -2.66 -5.70
N ASN A 69 15.90 -1.57 -6.22
CA ASN A 69 17.34 -1.48 -6.40
C ASN A 69 17.98 -0.78 -5.21
N GLU A 70 17.22 0.12 -4.63
CA GLU A 70 17.61 0.85 -3.44
C GLU A 70 16.49 0.97 -2.41
N GLU A 71 16.79 0.72 -1.14
CA GLU A 71 15.83 0.89 -0.07
C GLU A 71 16.58 1.12 1.23
N THR A 72 16.79 2.35 1.58
CA THR A 72 17.70 2.69 2.64
C THR A 72 17.17 2.55 4.04
N GLY A 73 15.90 2.12 4.11
CA GLY A 73 15.18 1.93 5.36
C GLY A 73 13.80 2.56 5.60
N ALA A 74 12.90 2.55 4.62
CA ALA A 74 11.59 3.18 4.80
C ALA A 74 10.72 2.41 5.81
N SER A 75 9.94 3.15 6.61
CA SER A 75 9.18 2.54 7.69
C SER A 75 8.60 1.20 7.22
N TYR A 76 7.97 1.21 6.04
CA TYR A 76 7.69 -0.04 5.36
C TYR A 76 7.43 0.15 3.87
N ILE A 77 7.65 -0.93 3.12
CA ILE A 77 7.27 -1.05 1.73
C ILE A 77 6.15 -2.07 1.70
N ALA A 78 5.02 -1.74 1.07
CA ALA A 78 3.88 -2.64 1.08
C ALA A 78 2.96 -2.38 -0.10
N LEU A 79 2.36 -3.45 -0.64
CA LEU A 79 1.22 -3.26 -1.52
C LEU A 79 0.14 -2.68 -0.65
N TYR A 80 -0.53 -1.65 -1.15
CA TYR A 80 -1.38 -0.82 -0.31
C TYR A 80 -2.62 -0.43 -1.08
N GLY A 81 -3.79 -0.66 -0.50
CA GLY A 81 -5.01 -0.30 -1.20
C GLY A 81 -6.28 -0.27 -0.38
N TRP A 82 -7.40 -0.06 -1.08
CA TRP A 82 -8.70 0.16 -0.44
C TRP A 82 -9.81 -0.60 -1.13
N GLY A 83 -10.82 -0.96 -0.34
CA GLY A 83 -12.11 -1.40 -0.85
C GLY A 83 -13.20 -0.57 -0.21
N TYR A 84 -14.30 -0.35 -0.91
CA TYR A 84 -15.37 0.48 -0.37
C TYR A 84 -16.72 0.15 -1.00
N ASP A 85 -17.70 -0.15 -0.15
CA ASP A 85 -19.05 -0.46 -0.60
C ASP A 85 -20.01 0.62 -0.10
N LYS A 86 -20.39 1.51 -1.00
CA LYS A 86 -21.24 2.65 -0.66
C LYS A 86 -22.62 2.26 -0.14
N THR A 87 -23.04 1.02 -0.37
CA THR A 87 -24.38 0.59 0.00
C THR A 87 -24.43 0.03 1.42
N MET A 88 -23.25 -0.20 2.01
CA MET A 88 -23.19 -0.76 3.35
C MET A 88 -23.23 0.33 4.41
N SER A 89 -23.68 -0.02 5.60
CA SER A 89 -23.72 0.92 6.72
C SER A 89 -22.32 1.40 7.09
N GLU A 90 -22.19 2.68 7.33
CA GLU A 90 -20.88 3.25 7.68
C GLU A 90 -20.46 2.89 9.10
N SER A 91 -21.37 2.31 9.87
CA SER A 91 -21.06 1.86 11.22
C SER A 91 -20.61 0.40 11.21
N ASP A 92 -20.61 -0.21 10.03
CA ASP A 92 -20.07 -1.55 9.82
C ASP A 92 -18.63 -1.40 9.33
N PRO A 93 -17.65 -1.86 10.14
CA PRO A 93 -16.23 -1.65 9.82
C PRO A 93 -15.76 -2.36 8.56
N SER A 94 -16.61 -3.18 7.95
CA SER A 94 -16.27 -3.85 6.71
C SER A 94 -16.77 -3.10 5.47
N HIS A 95 -17.47 -1.98 5.70
CA HIS A 95 -17.99 -1.17 4.60
C HIS A 95 -16.84 -0.52 3.84
N LEU A 96 -15.73 -0.33 4.55
CA LEU A 96 -14.54 0.24 3.95
C LEU A 96 -13.35 -0.50 4.55
N VAL A 97 -12.42 -0.92 3.71
CA VAL A 97 -11.28 -1.68 4.19
C VAL A 97 -9.97 -1.18 3.57
N GLU A 98 -8.99 -0.96 4.44
CA GLU A 98 -7.63 -0.64 4.05
C GLU A 98 -6.81 -1.93 4.11
N TYR A 99 -6.08 -2.26 3.05
CA TYR A 99 -5.30 -3.50 3.10
C TYR A 99 -3.82 -3.27 2.76
N TYR A 100 -2.98 -4.08 3.38
CA TYR A 100 -1.53 -4.01 3.22
C TYR A 100 -0.95 -5.39 2.96
N ILE A 101 -0.09 -5.51 1.96
CA ILE A 101 0.76 -6.69 1.84
C ILE A 101 2.21 -6.23 2.02
N LEU A 102 2.75 -6.40 3.22
CA LEU A 102 4.09 -5.88 3.53
C LEU A 102 5.24 -6.65 2.87
N GLN A 103 6.16 -5.91 2.26
CA GLN A 103 7.38 -6.51 1.68
C GLN A 103 8.62 -6.33 2.57
N ARG A 104 8.77 -5.13 3.13
CA ARG A 104 9.88 -4.80 4.00
C ARG A 104 9.42 -3.81 5.06
N TRP A 105 10.11 -3.76 6.20
CA TRP A 105 9.72 -2.86 7.28
C TRP A 105 10.82 -2.67 8.32
N THR A 106 10.90 -1.44 8.84
CA THR A 106 11.78 -1.13 9.95
C THR A 106 11.14 -1.53 11.26
N TYR A 107 9.84 -1.27 11.37
CA TYR A 107 9.04 -1.77 12.49
C TYR A 107 7.76 -2.38 11.93
N ASP A 108 7.18 -3.31 12.67
CA ASP A 108 6.01 -4.04 12.19
C ASP A 108 4.72 -3.27 12.46
N PRO A 109 4.07 -2.75 11.40
CA PRO A 109 2.85 -1.97 11.61
C PRO A 109 1.62 -2.84 11.85
N SER A 110 1.75 -4.15 11.72
CA SER A 110 0.60 -5.04 11.85
C SER A 110 0.42 -5.57 13.27
N GLN A 111 1.23 -5.09 14.20
CA GLN A 111 1.28 -5.67 15.54
C GLN A 111 -0.01 -5.55 16.35
N ASP A 112 -0.85 -4.57 16.02
CA ASP A 112 -2.11 -4.41 16.73
C ASP A 112 -3.17 -5.41 16.23
N GLY A 113 -2.91 -6.04 15.09
CA GLY A 113 -3.90 -6.92 14.48
C GLY A 113 -4.07 -8.29 15.11
N ILE A 114 -5.28 -8.83 15.01
CA ILE A 114 -5.55 -10.20 15.42
C ILE A 114 -5.19 -11.14 14.28
N TYR A 115 -4.46 -12.20 14.60
CA TYR A 115 -4.03 -13.21 13.64
C TYR A 115 -5.14 -13.94 12.98
N GLY A 116 -4.93 -14.20 11.72
CA GLY A 116 -5.89 -14.93 10.95
C GLY A 116 -5.39 -16.30 10.60
N LYS A 117 -4.46 -16.34 9.66
CA LYS A 117 -3.87 -17.58 9.22
C LYS A 117 -2.54 -17.44 8.52
N THR A 118 -1.88 -18.58 8.32
CA THR A 118 -0.61 -18.63 7.62
C THR A 118 -0.78 -19.40 6.30
N PHE A 119 -0.12 -18.94 5.25
CA PHE A 119 -0.27 -19.55 3.93
C PHE A 119 0.97 -19.30 3.08
N VAL A 120 1.02 -19.92 1.91
CA VAL A 120 2.16 -19.75 1.01
C VAL A 120 1.68 -19.16 -0.32
N SER A 121 2.43 -18.18 -0.84
CA SER A 121 2.10 -17.55 -2.11
C SER A 121 3.39 -17.20 -2.86
N ASN A 122 3.53 -17.70 -4.08
CA ASN A 122 4.78 -17.58 -4.83
C ASN A 122 5.96 -18.11 -4.02
N GLY A 123 5.70 -19.17 -3.25
CA GLY A 123 6.73 -19.78 -2.44
C GLY A 123 7.10 -18.98 -1.20
N ILE A 124 6.37 -17.89 -0.97
CA ILE A 124 6.63 -17.04 0.19
C ILE A 124 5.60 -17.32 1.28
N GLU A 125 6.06 -17.55 2.50
CA GLU A 125 5.13 -17.76 3.61
C GLU A 125 4.64 -16.42 4.12
N TYR A 126 3.32 -16.28 4.23
CA TYR A 126 2.69 -15.09 4.80
C TYR A 126 1.80 -15.44 5.98
N SER A 127 1.63 -14.49 6.89
CA SER A 127 0.63 -14.60 7.96
C SER A 127 -0.27 -13.38 7.88
N THR A 128 -1.54 -13.54 8.22
CA THR A 128 -2.46 -12.42 8.12
C THR A 128 -2.90 -11.88 9.48
N TYR A 129 -3.31 -10.62 9.49
CA TYR A 129 -3.70 -9.93 10.71
C TYR A 129 -4.80 -8.92 10.37
N ARG A 130 -5.73 -8.72 11.29
CA ARG A 130 -6.76 -7.70 11.11
C ARG A 130 -6.86 -6.78 12.31
N SER A 131 -6.76 -5.48 12.03
CA SER A 131 -6.89 -4.46 13.06
C SER A 131 -8.03 -3.52 12.70
N ILE A 132 -8.36 -2.62 13.62
CA ILE A 132 -9.42 -1.65 13.35
C ILE A 132 -8.91 -0.23 13.58
N ARG A 133 -9.34 0.70 12.72
CA ARG A 133 -9.03 2.11 12.91
C ARG A 133 -10.30 2.84 13.31
N LYS A 134 -10.27 3.55 14.42
CA LYS A 134 -11.47 4.20 14.95
C LYS A 134 -11.47 5.70 14.68
N VAL A 135 -12.37 6.15 13.81
CA VAL A 135 -12.44 7.57 13.40
C VAL A 135 -11.16 8.17 12.77
N LYS A 136 -10.58 7.46 11.81
CA LYS A 136 -9.26 7.78 11.27
C LYS A 136 -9.39 8.21 9.79
N PRO A 137 -8.34 8.85 9.25
CA PRO A 137 -8.42 9.26 7.84
C PRO A 137 -8.61 8.08 6.89
N SER A 138 -9.27 8.33 5.77
CA SER A 138 -9.54 7.29 4.79
C SER A 138 -9.93 7.93 3.46
N ILE A 139 -10.10 7.10 2.44
CA ILE A 139 -10.49 7.60 1.12
C ILE A 139 -11.92 8.15 1.12
N ASN A 140 -12.67 7.89 2.19
CA ASN A 140 -14.02 8.43 2.31
C ASN A 140 -14.16 9.40 3.49
N GLY A 141 -13.06 10.00 3.91
CA GLY A 141 -13.06 10.91 5.04
C GLY A 141 -12.90 10.16 6.33
N PRO A 142 -13.00 10.86 7.47
CA PRO A 142 -12.84 10.25 8.80
C PRO A 142 -13.89 9.17 9.02
N THR A 143 -13.44 7.97 9.37
CA THR A 143 -14.37 6.87 9.53
C THR A 143 -13.74 5.71 10.31
N THR A 144 -14.55 4.71 10.62
CA THR A 144 -14.07 3.54 11.34
C THR A 144 -14.08 2.34 10.39
N PHE A 145 -12.91 1.71 10.23
CA PHE A 145 -12.74 0.70 9.20
C PHE A 145 -11.72 -0.35 9.61
N TYR A 146 -11.85 -1.54 9.03
CA TYR A 146 -10.88 -2.62 9.25
C TYR A 146 -9.63 -2.40 8.41
N GLN A 147 -8.50 -2.89 8.91
CA GLN A 147 -7.29 -3.03 8.12
C GLN A 147 -6.97 -4.51 8.00
N TYR A 148 -6.75 -4.99 6.77
CA TYR A 148 -6.27 -6.36 6.56
C TYR A 148 -4.78 -6.33 6.25
N TRP A 149 -4.00 -7.17 6.93
CA TRP A 149 -2.56 -7.26 6.72
C TRP A 149 -2.15 -8.63 6.25
N SER A 150 -1.18 -8.68 5.34
CA SER A 150 -0.41 -9.90 5.09
C SER A 150 1.06 -9.58 5.33
N LYS A 151 1.71 -10.36 6.18
CA LYS A 151 3.12 -10.12 6.50
C LYS A 151 3.96 -11.34 6.17
N PRO A 152 5.01 -11.16 5.34
CA PRO A 152 5.86 -12.30 4.99
C PRO A 152 6.74 -12.70 6.16
N SER A 153 7.13 -13.96 6.20
CA SER A 153 7.88 -14.48 7.33
C SER A 153 9.35 -14.05 7.32
N ALA A 154 9.76 -13.41 6.23
CA ALA A 154 11.06 -12.74 6.16
C ALA A 154 10.94 -11.48 5.31
N GLN A 155 11.88 -10.57 5.49
CA GLN A 155 11.95 -9.36 4.67
C GLN A 155 12.29 -9.75 3.24
N GLN A 156 11.66 -9.09 2.28
CA GLN A 156 11.92 -9.38 0.88
C GLN A 156 13.13 -8.58 0.39
N GLU A 157 14.13 -9.30 -0.11
CA GLU A 157 15.43 -8.72 -0.43
C GLU A 157 15.45 -7.76 -1.61
N LEU A 158 16.45 -6.87 -1.63
CA LEU A 158 16.66 -5.98 -2.75
C LEU A 158 17.35 -6.72 -3.90
N GLY A 159 17.22 -6.18 -5.10
CA GLY A 159 17.94 -6.68 -6.26
C GLY A 159 17.32 -7.94 -6.85
N LYS A 160 16.13 -8.30 -6.38
CA LYS A 160 15.43 -9.48 -6.89
C LYS A 160 14.05 -9.10 -7.42
N ASP A 161 13.64 -9.77 -8.49
CA ASP A 161 12.27 -9.68 -8.97
C ASP A 161 11.36 -10.44 -8.01
N HIS A 162 10.40 -9.73 -7.42
CA HIS A 162 9.41 -10.36 -6.55
C HIS A 162 8.05 -10.40 -7.21
N LYS A 163 7.17 -11.25 -6.70
CA LYS A 163 5.79 -11.30 -7.16
C LYS A 163 4.84 -11.21 -5.98
N ILE A 164 3.79 -10.41 -6.14
CA ILE A 164 2.69 -10.43 -5.19
C ILE A 164 1.47 -10.90 -5.95
N ILE A 165 0.95 -12.05 -5.56
CA ILE A 165 -0.20 -12.65 -6.25
C ILE A 165 -1.42 -12.27 -5.45
N PHE A 166 -2.08 -11.19 -5.88
CA PHE A 166 -3.10 -10.57 -5.05
C PHE A 166 -4.24 -11.54 -4.73
N ALA A 167 -4.57 -12.41 -5.67
CA ALA A 167 -5.64 -13.38 -5.47
C ALA A 167 -5.41 -14.24 -4.22
N ASP A 168 -4.16 -14.57 -3.95
CA ASP A 168 -3.82 -15.41 -2.80
C ASP A 168 -4.11 -14.72 -1.47
N HIS A 169 -3.92 -13.41 -1.44
CA HIS A 169 -4.15 -12.66 -0.20
C HIS A 169 -5.63 -12.39 -0.02
N VAL A 170 -6.32 -12.08 -1.11
CA VAL A 170 -7.77 -11.99 -1.08
C VAL A 170 -8.36 -13.29 -0.53
N LYS A 171 -7.86 -14.41 -1.01
CA LYS A 171 -8.36 -15.72 -0.59
C LYS A 171 -8.04 -16.00 0.88
N ALA A 172 -6.82 -15.68 1.32
CA ALA A 172 -6.41 -15.95 2.70
C ALA A 172 -7.24 -15.16 3.69
N TRP A 173 -7.54 -13.90 3.33
CA TRP A 173 -8.39 -13.06 4.16
C TRP A 173 -9.81 -13.61 4.19
N ALA A 174 -10.33 -13.99 3.02
CA ALA A 174 -11.65 -14.57 2.94
C ALA A 174 -11.74 -15.89 3.71
N ASP A 175 -10.65 -16.64 3.77
CA ASP A 175 -10.64 -17.94 4.47
C ASP A 175 -10.97 -17.79 5.96
N THR A 176 -10.69 -16.62 6.51
CA THR A 176 -10.99 -16.35 7.91
C THR A 176 -12.22 -15.46 8.05
N GLY A 177 -12.96 -15.29 6.95
CA GLY A 177 -14.18 -14.52 6.95
C GLY A 177 -13.97 -13.01 6.84
N TRP A 178 -12.80 -12.61 6.35
CA TRP A 178 -12.51 -11.18 6.18
C TRP A 178 -12.71 -10.84 4.72
N ILE A 179 -13.84 -10.19 4.43
CA ILE A 179 -14.26 -9.95 3.05
C ILE A 179 -13.89 -8.54 2.61
N LEU A 180 -13.39 -8.41 1.38
CA LEU A 180 -13.08 -7.10 0.83
C LEU A 180 -14.27 -6.49 0.09
N PRO A 181 -14.67 -5.26 0.46
CA PRO A 181 -15.70 -4.56 -0.31
C PRO A 181 -15.15 -4.15 -1.67
N ASP A 182 -16.02 -3.67 -2.55
CA ASP A 182 -15.69 -3.39 -3.94
C ASP A 182 -14.39 -2.60 -4.12
N MET A 183 -13.52 -3.08 -5.00
CA MET A 183 -12.21 -2.47 -5.22
C MET A 183 -12.08 -1.83 -6.59
N ASN A 184 -13.22 -1.65 -7.25
CA ASN A 184 -13.23 -1.01 -8.55
C ASN A 184 -14.28 0.08 -8.59
N ASN A 185 -14.04 1.15 -7.86
CA ASN A 185 -14.95 2.30 -7.91
C ASN A 185 -14.31 3.60 -7.43
N PHE A 186 -14.98 4.71 -7.73
CA PHE A 186 -14.61 6.02 -7.21
C PHE A 186 -15.60 6.57 -6.17
N ASP A 187 -16.50 5.71 -5.68
CA ASP A 187 -17.68 6.11 -4.94
C ASP A 187 -17.32 6.94 -3.71
N ALA A 188 -16.12 6.75 -3.19
CA ALA A 188 -15.68 7.46 -1.99
C ALA A 188 -15.45 8.94 -2.29
N SER A 189 -15.45 9.74 -1.24
CA SER A 189 -15.40 11.19 -1.38
C SER A 189 -14.04 11.71 -1.84
N ASP A 190 -12.96 11.05 -1.44
CA ASP A 190 -11.62 11.62 -1.59
C ASP A 190 -10.70 10.94 -2.62
N ASP A 191 -10.87 9.63 -2.81
CA ASP A 191 -9.98 8.87 -3.68
C ASP A 191 -10.68 7.62 -4.26
N PRO A 192 -10.21 7.13 -5.41
CA PRO A 192 -10.67 5.84 -5.90
C PRO A 192 -10.11 4.69 -5.05
N THR A 193 -10.62 3.48 -5.26
CA THR A 193 -10.13 2.33 -4.50
C THR A 193 -8.87 1.82 -5.18
N TYR A 194 -7.79 2.57 -5.00
CA TYR A 194 -6.52 2.29 -5.67
C TYR A 194 -5.75 1.12 -5.06
N GLN A 195 -4.68 0.72 -5.75
CA GLN A 195 -3.79 -0.31 -5.26
C GLN A 195 -2.38 0.03 -5.72
N VAL A 196 -1.51 0.38 -4.79
CA VAL A 196 -0.16 0.84 -5.15
C VAL A 196 0.92 0.12 -4.34
N LEU A 197 2.14 0.12 -4.87
CA LEU A 197 3.30 -0.28 -4.09
C LEU A 197 3.75 0.92 -3.27
N ALA A 198 3.37 0.97 -2.00
CA ALA A 198 3.60 2.15 -1.18
C ALA A 198 4.96 2.16 -0.49
N VAL A 199 5.62 3.30 -0.56
CA VAL A 199 6.77 3.62 0.26
C VAL A 199 6.26 4.48 1.40
N GLU A 200 6.38 3.99 2.64
CA GLU A 200 5.89 4.73 3.80
C GLU A 200 7.07 5.07 4.71
N VAL A 201 7.20 6.34 5.05
CA VAL A 201 8.34 6.83 5.81
C VAL A 201 7.83 7.76 6.91
N PHE A 202 7.88 7.28 8.15
CA PHE A 202 7.35 8.05 9.26
C PHE A 202 8.45 8.52 10.20
N ASN A 203 8.57 9.81 10.43
CA ASN A 203 9.55 10.36 11.34
C ASN A 203 10.98 9.95 11.08
N PRO A 204 11.42 10.04 9.84
CA PRO A 204 12.74 9.54 9.47
C PRO A 204 13.85 10.32 10.13
N GLN A 205 14.84 9.58 10.56
CA GLN A 205 15.98 10.10 11.28
C GLN A 205 17.15 10.45 10.37
N LYS A 206 17.16 9.91 9.15
CA LYS A 206 18.27 10.05 8.24
C LYS A 206 17.67 10.29 6.84
N ASN A 207 18.43 10.83 5.92
CA ASN A 207 17.94 10.97 4.56
C ASN A 207 17.78 9.60 3.99
N GLY A 208 16.97 9.47 2.94
CA GLY A 208 16.68 8.15 2.46
C GLY A 208 16.27 8.04 1.01
N THR A 209 16.39 6.83 0.48
CA THR A 209 16.04 6.53 -0.91
C THR A 209 15.35 5.17 -1.03
N ALA A 210 14.29 5.13 -1.84
CA ALA A 210 13.69 3.87 -2.27
C ALA A 210 13.45 3.97 -3.76
N SER A 211 14.00 3.04 -4.52
CA SER A 211 13.84 3.09 -5.97
C SER A 211 13.72 1.70 -6.55
N GLY A 212 13.05 1.61 -7.69
CA GLY A 212 12.89 0.33 -8.36
C GLY A 212 11.91 0.45 -9.50
N GLN A 213 11.19 -0.63 -9.77
CA GLN A 213 10.22 -0.64 -10.86
C GLN A 213 9.08 -1.58 -10.51
N VAL A 214 7.86 -1.21 -10.92
CA VAL A 214 6.70 -2.03 -10.67
C VAL A 214 5.99 -2.31 -12.01
N TRP A 215 5.35 -3.46 -12.10
CA TRP A 215 4.56 -3.79 -13.28
C TRP A 215 3.63 -4.94 -12.96
N ASP A 216 2.83 -5.37 -13.94
CA ASP A 216 1.94 -6.50 -13.72
C ASP A 216 1.76 -7.34 -14.97
#